data_2J5L
#
_entry.id   2J5L
#
_cell.length_a   171.900
_cell.length_b   171.900
_cell.length_c   44.200
_cell.angle_alpha   90.00
_cell.angle_beta   90.00
_cell.angle_gamma   120.00
#
_symmetry.space_group_name_H-M   'P 63'
#
loop_
_entity.id
_entity.type
_entity.pdbx_description
1 polymer 'APICAL MEMBRANE ANTIGEN 1'
2 polymer 'FAB FRAGMENT OF MONOCLONAL ANTIBODY F8.12.19'
3 polymer 'FAB FRAGMENT OF MONOCLONAL ANTIBODY F8.12.19'
#
loop_
_entity_poly.entity_id
_entity_poly.type
_entity_poly.pdbx_seq_one_letter_code
_entity_poly.pdbx_strand_id
1 'polypeptide(L)'
;QKSDVYHPINEHREHPKEYEYPLHQEHTYQQEDSGEDENTLQHAYPIDHEGAEPAPQEQNLFSSIEIVERSNYMGNPWTE
YMAKYDIEEVHGSGIRVDLGEDAEVAGTQYRLPSGKCPVFGKGIIIENSNTTFLKPVATGNQDLKDGGFAFPPTNPLISP
MTLNGMRDFYKNNEYVKNLDELTLCSRHAGNMNPDNDKNSNYKYPAVYDYNDKKCHILYIAAQENNGPRYCNKDQSKRNS
MFCFRPAKDKLFENYTYLSKNVVDNWEEVCPRKNLENAKFGLWVDGNCEDIPHVNEFSANDLFECNKLVFELSASDQPKQ
YEQHLTDYEKIKEGFKNKNASMIKSAFLPTGAFKADRYKSHGKGYNWGNYNRETQKCEIFNVKPTCLINNSSYIATTALS
HPIEVEHNFPCSLYKDEIKKEIERESKRIKLNDNDDEGNKKIIAPRIFISDDKDSLKCPCDPEMVSQSTCRFFVCKCVER
RAEVTSNNEVVVKEEYKDEYADIPEHKPTYDNMKIIIASSAAVAVLATILMVYLYKRKGNAEKYDKMDQPQHYGKSTSRN
DEMLDPEASFWGEEKRASHTT
;
A
2 'polypeptide(L)'
;(PCA)SVLSQSPAILSASPGEKVTMTCRARSSVSYMHWYQQKSGSSPKPWIHATSNLASGVPARFSGSGSGTSYSLTISR
VEAEDAATYYCQQWSSHPPTFGSGTKLEIKRADAAPTVSIFPPSSEQLTSGGASVVCFLNNFYPKDINVKWKIDGSERQN
GVLNSWTDQDSKDSTYSMSSTLTLTKDEYERHNSYTCEATHKTSTSPIVKSFNRNEC
;
B
3 'polypeptide(L)'
;EVQLVESGGGLVKPGGSLKLSCAASGFIFSDYYMYWVRQTPEKRLEWVATISDGNSYTYYVDSVKGRFTISRDNAKNNLY
LQMSSLKSEDTAIYYCARDGPTDSSGYGGFGYWGQGTLVTVSEAKTTPPSVYPLAPGSAAQTNSMVTLGCLVKGYFPEPV
TVTWNSGSLSSGVHTFPAVLQSDLYTLSSSVTVPSSPRPSETVTCNVAHPASSTKVDKKIVPRDC
;
C
#
# COMPACT_ATOMS: atom_id res chain seq x y z
N ILE A 447 31.09 12.00 -23.78
CA ILE A 447 31.47 12.97 -22.71
C ILE A 447 30.61 12.84 -21.43
N PHE A 448 31.30 12.75 -20.28
CA PHE A 448 30.71 12.34 -19.00
C PHE A 448 30.75 13.42 -17.92
N ILE A 449 31.23 14.58 -18.31
CA ILE A 449 31.30 15.75 -17.46
C ILE A 449 31.27 16.94 -18.41
N SER A 450 30.80 18.10 -17.93
CA SER A 450 30.67 19.31 -18.75
C SER A 450 30.31 20.50 -17.88
N ASP A 451 30.22 21.68 -18.47
CA ASP A 451 29.70 22.83 -17.75
C ASP A 451 28.26 23.26 -18.07
N ASP A 452 27.87 23.12 -19.35
CA ASP A 452 26.45 23.13 -19.74
C ASP A 452 25.86 21.74 -19.39
N LYS A 453 24.89 21.76 -18.48
CA LYS A 453 24.28 20.56 -17.94
C LYS A 453 23.69 19.77 -19.09
N ASP A 454 23.04 20.51 -19.99
CA ASP A 454 22.26 19.94 -21.07
C ASP A 454 23.14 19.23 -22.09
N SER A 455 24.36 19.73 -22.24
CA SER A 455 25.28 19.20 -23.24
C SER A 455 25.62 17.77 -22.88
N LEU A 456 25.13 17.32 -21.73
CA LEU A 456 25.47 16.04 -21.11
C LEU A 456 24.64 14.89 -21.57
N LYS A 457 23.42 15.18 -22.02
CA LYS A 457 22.55 14.12 -22.50
C LYS A 457 22.78 12.79 -21.74
N CYS A 458 22.40 12.89 -20.46
CA CYS A 458 22.46 11.86 -19.42
C CYS A 458 21.06 11.31 -19.23
N PRO A 459 20.92 9.96 -19.05
CA PRO A 459 19.56 9.39 -18.89
C PRO A 459 18.87 9.77 -17.58
N CYS A 460 19.64 9.96 -16.52
CA CYS A 460 19.11 10.42 -15.22
C CYS A 460 19.65 11.80 -14.91
N ASP A 461 19.24 12.41 -13.81
CA ASP A 461 19.76 13.74 -13.50
C ASP A 461 21.23 13.78 -13.16
N PRO A 462 22.03 14.44 -14.01
CA PRO A 462 23.44 14.60 -13.72
C PRO A 462 23.71 15.22 -12.33
N GLU A 463 24.80 14.78 -11.72
CA GLU A 463 25.22 15.30 -10.45
C GLU A 463 25.86 16.64 -10.62
N MET A 464 25.39 17.62 -9.84
CA MET A 464 26.07 18.90 -9.77
C MET A 464 27.23 18.87 -8.79
N VAL A 465 28.43 19.29 -9.20
CA VAL A 465 29.58 19.12 -8.30
C VAL A 465 30.17 20.44 -7.77
N SER A 466 29.29 21.41 -7.55
CA SER A 466 29.73 22.78 -7.25
C SER A 466 30.48 22.98 -5.93
N GLN A 467 31.64 23.62 -6.01
CA GLN A 467 32.29 24.16 -4.81
C GLN A 467 31.99 25.67 -4.68
N SER A 468 33.04 26.46 -4.50
CA SER A 468 32.94 27.92 -4.24
C SER A 468 32.48 28.75 -5.48
N THR A 469 33.42 29.13 -6.35
CA THR A 469 33.09 29.36 -7.75
C THR A 469 33.64 28.17 -8.50
N CYS A 470 32.73 27.46 -9.14
CA CYS A 470 33.00 26.17 -9.77
C CYS A 470 31.71 25.37 -9.86
N ARG A 471 31.23 25.09 -11.08
CA ARG A 471 30.03 24.28 -11.21
C ARG A 471 30.30 22.83 -11.68
N PHE A 472 30.41 22.62 -12.99
CA PHE A 472 30.54 21.26 -13.57
C PHE A 472 29.36 20.30 -13.26
N PHE A 473 28.97 19.52 -14.26
CA PHE A 473 27.95 18.53 -14.04
C PHE A 473 28.46 17.22 -14.60
N VAL A 474 28.10 16.13 -13.94
CA VAL A 474 28.61 14.78 -14.21
C VAL A 474 27.50 13.71 -14.25
N CYS A 475 27.53 12.90 -15.28
CA CYS A 475 26.52 11.86 -15.42
C CYS A 475 27.05 10.57 -14.81
N LYS A 476 26.16 9.93 -14.04
CA LYS A 476 26.43 8.75 -13.21
C LYS A 476 25.66 7.54 -13.72
N CYS A 477 24.91 7.75 -14.79
CA CYS A 477 24.02 6.77 -15.36
C CYS A 477 24.48 6.46 -16.78
N VAL A 478 24.72 5.20 -17.09
CA VAL A 478 25.44 4.85 -18.32
C VAL A 478 24.54 4.05 -19.24
N GLU A 479 24.52 4.41 -20.51
CA GLU A 479 23.65 3.75 -21.45
C GLU A 479 24.47 2.92 -22.45
N ARG A 480 24.55 1.60 -22.23
CA ARG A 480 25.41 0.74 -23.08
C ARG A 480 24.69 0.12 -24.30
N SER B 2 20.35 -4.85 -16.06
CA SER B 2 21.03 -5.08 -14.83
C SER B 2 20.12 -5.58 -13.69
N VAL B 3 19.28 -6.57 -14.01
CA VAL B 3 18.39 -7.29 -13.07
C VAL B 3 18.95 -7.53 -11.66
N LEU B 4 18.30 -7.01 -10.61
CA LEU B 4 18.73 -7.26 -9.21
C LEU B 4 17.92 -8.36 -8.49
N SER B 5 18.58 -9.31 -7.83
CA SER B 5 17.82 -10.11 -6.84
C SER B 5 18.25 -9.88 -5.37
N GLN B 6 17.26 -9.96 -4.50
CA GLN B 6 17.43 -9.53 -3.15
C GLN B 6 17.19 -10.71 -2.27
N SER B 7 18.05 -10.90 -1.29
CA SER B 7 17.89 -11.97 -0.28
C SER B 7 17.92 -11.47 1.22
N PRO B 8 17.13 -12.16 2.07
CA PRO B 8 16.08 -13.18 1.70
C PRO B 8 14.77 -12.52 1.25
N ALA B 9 13.65 -13.23 1.26
CA ALA B 9 12.42 -12.56 0.89
C ALA B 9 11.77 -12.02 2.18
N ILE B 10 11.76 -12.89 3.18
CA ILE B 10 11.12 -12.61 4.42
C ILE B 10 12.18 -12.92 5.45
N LEU B 11 12.53 -11.90 6.22
CA LEU B 11 13.52 -11.99 7.27
C LEU B 11 12.69 -11.64 8.49
N SER B 12 12.97 -12.30 9.62
CA SER B 12 12.25 -12.26 10.90
C SER B 12 13.27 -12.01 11.95
N ALA B 13 13.00 -11.03 12.82
CA ALA B 13 13.93 -10.69 13.91
C ALA B 13 13.16 -10.19 15.11
N SER B 14 13.69 -10.40 16.31
CA SER B 14 13.02 -9.81 17.44
C SER B 14 13.65 -8.45 17.61
N PRO B 15 12.90 -7.53 18.28
CA PRO B 15 13.48 -6.23 18.58
C PRO B 15 14.75 -6.47 19.38
N GLY B 16 15.85 -5.84 18.94
CA GLY B 16 17.14 -5.93 19.57
C GLY B 16 18.29 -6.44 18.71
N GLU B 17 17.96 -7.36 17.78
CA GLU B 17 18.95 -8.04 16.88
C GLU B 17 19.46 -7.27 15.67
N LYS B 18 20.65 -7.60 15.18
CA LYS B 18 21.06 -7.06 13.89
C LYS B 18 20.63 -8.01 12.78
N VAL B 19 20.29 -7.43 11.66
CA VAL B 19 19.82 -8.20 10.56
C VAL B 19 20.50 -7.59 9.36
N THR B 20 20.71 -8.43 8.35
CA THR B 20 21.34 -7.99 7.14
C THR B 20 20.61 -8.56 5.91
N MET B 21 20.42 -7.71 4.91
CA MET B 21 19.75 -8.13 3.71
C MET B 21 20.54 -7.73 2.51
N THR B 22 20.63 -8.66 1.57
CA THR B 22 21.65 -8.50 0.55
C THR B 22 21.06 -8.41 -0.84
N CYS B 23 21.76 -7.72 -1.73
CA CYS B 23 21.29 -7.39 -3.08
C CYS B 23 22.40 -7.58 -4.11
N ARG B 24 22.33 -8.73 -4.81
CA ARG B 24 23.20 -9.14 -5.96
C ARG B 24 22.76 -8.51 -7.29
N ALA B 25 23.71 -8.30 -8.23
CA ALA B 25 23.45 -7.74 -9.60
C ALA B 25 24.03 -8.60 -10.77
N ARG B 26 23.44 -8.56 -11.98
CA ARG B 26 23.98 -9.41 -13.07
C ARG B 26 25.39 -9.02 -13.46
N SER B 27 25.70 -7.72 -13.34
CA SER B 27 27.07 -7.22 -13.42
C SER B 27 27.36 -5.91 -12.61
N SER B 28 28.62 -5.47 -12.71
CA SER B 28 29.08 -4.33 -11.98
C SER B 28 28.11 -3.16 -11.99
N VAL B 29 28.18 -2.37 -10.92
CA VAL B 29 27.31 -1.22 -10.68
C VAL B 29 27.96 -0.50 -9.57
N SER B 30 27.96 0.80 -9.59
CA SER B 30 28.82 1.46 -8.68
C SER B 30 28.07 2.11 -7.59
N TYR B 31 26.76 1.89 -7.50
CA TYR B 31 25.96 2.61 -6.51
C TYR B 31 24.66 1.92 -6.31
N MET B 32 24.27 1.69 -5.05
CA MET B 32 22.96 1.13 -4.77
C MET B 32 22.07 2.06 -3.99
N HIS B 33 20.76 1.94 -4.23
CA HIS B 33 19.75 2.75 -3.57
C HIS B 33 18.79 1.92 -2.82
N TRP B 34 18.41 2.38 -1.63
CA TRP B 34 17.42 1.62 -0.89
C TRP B 34 16.25 2.46 -0.52
N TYR B 35 15.02 1.99 -0.76
CA TYR B 35 13.81 2.69 -0.29
C TYR B 35 13.03 1.82 0.68
N GLN B 36 12.58 2.43 1.79
CA GLN B 36 11.72 1.70 2.70
C GLN B 36 10.27 1.90 2.35
N GLN B 37 9.45 0.81 2.23
CA GLN B 37 7.99 1.01 2.08
C GLN B 37 7.03 0.24 3.01
N LYS B 38 5.87 0.85 3.38
CA LYS B 38 4.87 0.31 4.32
C LYS B 38 3.48 0.49 3.66
N SER B 39 2.50 -0.35 3.97
CA SER B 39 1.28 -0.32 3.16
C SER B 39 0.68 1.04 3.22
N GLY B 40 -0.18 1.30 2.23
CA GLY B 40 -0.86 2.60 2.09
C GLY B 40 -0.03 3.73 1.51
N SER B 41 1.29 3.71 1.66
CA SER B 41 2.08 4.83 1.16
C SER B 41 3.22 4.39 0.24
N SER B 42 3.76 5.31 -0.53
CA SER B 42 4.73 4.97 -1.53
C SER B 42 6.15 4.93 -1.04
N PRO B 43 7.03 4.20 -1.74
CA PRO B 43 8.39 4.06 -1.22
C PRO B 43 8.95 5.33 -0.64
N LYS B 44 9.56 5.27 0.53
CA LYS B 44 10.33 6.45 0.97
C LYS B 44 11.79 6.19 0.70
N PRO B 45 12.50 7.19 0.20
CA PRO B 45 13.92 6.97 0.07
C PRO B 45 14.45 6.66 1.41
N TRP B 46 15.13 5.52 1.51
CA TRP B 46 15.87 5.23 2.72
C TRP B 46 17.39 5.55 2.73
N ILE B 47 18.15 4.82 1.89
CA ILE B 47 19.62 4.99 1.70
C ILE B 47 20.04 5.41 0.30
N HIS B 48 20.76 6.54 0.22
CA HIS B 48 21.13 7.10 -1.07
C HIS B 48 22.59 6.86 -1.37
N ALA B 49 22.89 6.53 -2.61
CA ALA B 49 24.28 6.20 -3.04
C ALA B 49 24.95 5.14 -2.18
N THR B 50 24.48 3.88 -2.23
CA THR B 50 25.09 2.81 -1.45
C THR B 50 25.06 2.94 0.08
N SER B 51 25.22 4.17 0.61
CA SER B 51 25.49 4.34 2.00
C SER B 51 25.28 5.71 2.65
N ASN B 52 24.59 6.63 2.02
CA ASN B 52 24.14 7.82 2.73
C ASN B 52 22.74 7.75 3.32
N LEU B 53 22.56 8.36 4.47
CA LEU B 53 21.29 8.20 5.11
C LEU B 53 20.44 9.29 4.61
N ALA B 54 19.38 8.93 3.89
CA ALA B 54 18.38 9.90 3.44
C ALA B 54 17.94 10.58 4.70
N SER B 55 17.82 11.90 4.70
CA SER B 55 17.58 12.62 5.94
C SER B 55 16.33 12.05 6.60
N GLY B 56 16.38 11.91 7.92
CA GLY B 56 15.25 11.38 8.70
C GLY B 56 15.51 9.98 9.24
N VAL B 57 16.59 9.34 8.80
CA VAL B 57 16.56 7.89 8.82
C VAL B 57 17.54 7.47 9.85
N PRO B 58 17.07 6.62 10.78
CA PRO B 58 17.72 6.24 12.02
C PRO B 58 19.13 5.72 11.84
N ALA B 59 20.06 6.14 12.71
CA ALA B 59 21.44 5.78 12.50
C ALA B 59 21.69 4.32 12.84
N ARG B 60 20.66 3.60 13.23
CA ARG B 60 20.81 2.15 13.29
C ARG B 60 20.82 1.48 11.86
N PHE B 61 20.57 2.28 10.84
CA PHE B 61 20.56 1.76 9.54
C PHE B 61 21.94 2.04 8.96
N SER B 62 22.35 1.22 7.97
CA SER B 62 23.61 1.31 7.19
C SER B 62 23.59 0.45 5.88
N GLY B 63 24.35 0.93 4.90
CA GLY B 63 24.45 0.24 3.63
C GLY B 63 25.90 0.11 3.17
N SER B 64 26.20 -1.00 2.51
CA SER B 64 27.36 -1.02 1.61
C SER B 64 27.28 -2.07 0.56
N GLY B 65 28.39 -2.14 -0.19
CA GLY B 65 28.67 -3.18 -1.16
C GLY B 65 29.70 -2.64 -2.13
N SER B 66 29.68 -3.16 -3.36
CA SER B 66 30.48 -2.72 -4.53
C SER B 66 30.42 -3.87 -5.53
N GLY B 67 30.73 -3.56 -6.78
CA GLY B 67 30.68 -4.56 -7.85
C GLY B 67 29.28 -5.16 -8.00
N THR B 68 29.09 -6.38 -7.50
CA THR B 68 27.79 -7.03 -7.70
C THR B 68 27.23 -7.46 -6.35
N SER B 69 27.70 -6.78 -5.30
CA SER B 69 27.32 -7.13 -3.96
C SER B 69 27.06 -5.98 -3.02
N TYR B 70 25.80 -5.86 -2.63
CA TYR B 70 25.36 -4.76 -1.84
C TYR B 70 24.41 -5.23 -0.75
N SER B 71 24.34 -4.43 0.31
CA SER B 71 23.41 -4.71 1.38
C SER B 71 23.17 -3.54 2.34
N LEU B 72 22.11 -3.75 3.09
CA LEU B 72 21.61 -2.85 4.04
C LEU B 72 21.45 -3.64 5.34
N THR B 73 21.79 -2.95 6.45
CA THR B 73 21.93 -3.56 7.74
C THR B 73 21.45 -2.66 8.84
N ILE B 74 20.86 -3.33 9.82
CA ILE B 74 20.33 -2.72 10.96
C ILE B 74 21.04 -3.53 12.00
N SER B 75 22.10 -2.89 12.52
CA SER B 75 22.54 -2.91 13.99
C SER B 75 21.49 -3.37 15.02
N ARG B 76 20.42 -2.64 15.28
CA ARG B 76 19.45 -3.22 16.27
C ARG B 76 17.98 -2.94 15.87
N VAL B 77 17.37 -3.94 15.25
CA VAL B 77 16.07 -3.83 14.65
C VAL B 77 15.06 -3.27 15.65
N GLU B 78 14.20 -2.28 15.32
CA GLU B 78 12.95 -2.07 16.11
C GLU B 78 11.63 -2.54 15.54
N ALA B 79 10.52 -2.11 16.14
CA ALA B 79 9.23 -2.66 15.74
C ALA B 79 8.76 -1.83 14.60
N GLU B 80 9.20 -0.56 14.61
CA GLU B 80 8.76 0.49 13.62
C GLU B 80 9.62 0.32 12.42
N ASP B 81 10.09 -0.90 12.28
CA ASP B 81 10.88 -1.23 11.16
C ASP B 81 10.32 -2.27 10.24
N ALA B 82 9.16 -2.80 10.64
CA ALA B 82 8.46 -3.80 9.91
C ALA B 82 8.01 -3.10 8.65
N ALA B 83 8.32 -3.68 7.49
CA ALA B 83 8.25 -2.93 6.29
C ALA B 83 8.80 -3.82 5.17
N THR B 84 8.56 -3.47 3.93
CA THR B 84 9.36 -4.01 2.84
C THR B 84 10.45 -2.98 2.48
N TYR B 85 11.62 -3.49 2.09
CA TYR B 85 12.77 -2.74 1.66
C TYR B 85 13.18 -3.21 0.25
N TYR B 86 13.60 -2.27 -0.60
CA TYR B 86 13.92 -2.42 -2.03
C TYR B 86 15.30 -1.89 -2.53
N CYS B 87 16.01 -2.68 -3.34
CA CYS B 87 17.21 -2.11 -3.86
C CYS B 87 16.98 -1.55 -5.27
N GLN B 88 17.83 -0.60 -5.70
CA GLN B 88 17.62 0.16 -6.95
C GLN B 88 18.91 0.72 -7.46
N GLN B 89 19.29 0.40 -8.70
CA GLN B 89 20.55 0.90 -9.28
C GLN B 89 20.29 1.72 -10.49
N TRP B 90 21.18 2.66 -10.79
CA TRP B 90 21.09 3.30 -12.11
C TRP B 90 22.45 3.50 -12.70
N SER B 91 23.35 2.57 -12.43
CA SER B 91 24.63 2.69 -13.01
C SER B 91 24.41 2.44 -14.46
N SER B 92 23.58 1.46 -14.79
CA SER B 92 23.45 1.12 -16.18
C SER B 92 22.00 1.09 -16.60
N HIS B 93 21.70 1.80 -17.69
CA HIS B 93 20.34 1.89 -18.21
C HIS B 93 19.82 0.55 -18.76
N PRO B 94 18.49 0.31 -18.65
CA PRO B 94 17.55 1.09 -17.86
C PRO B 94 17.86 0.96 -16.35
N PRO B 95 17.12 1.62 -15.47
CA PRO B 95 17.29 1.32 -14.07
C PRO B 95 16.33 0.22 -13.55
N THR B 96 16.81 -0.56 -12.59
CA THR B 96 16.08 -1.66 -12.03
C THR B 96 15.95 -1.69 -10.46
N PHE B 97 14.84 -2.30 -10.04
CA PHE B 97 14.56 -2.55 -8.66
C PHE B 97 14.59 -4.06 -8.36
N GLY B 98 15.20 -4.46 -7.24
CA GLY B 98 15.07 -5.80 -6.67
C GLY B 98 13.66 -6.08 -6.23
N SER B 99 13.33 -7.34 -5.96
CA SER B 99 11.91 -7.64 -5.77
C SER B 99 11.55 -7.42 -4.35
N GLY B 100 12.59 -7.07 -3.57
CA GLY B 100 12.48 -6.47 -2.23
C GLY B 100 12.24 -7.41 -1.06
N THR B 101 13.09 -7.31 0.00
CA THR B 101 13.02 -8.08 1.27
C THR B 101 12.00 -7.48 2.26
N LYS B 102 11.23 -8.33 2.98
CA LYS B 102 10.27 -7.85 3.96
C LYS B 102 10.58 -8.29 5.34
N LEU B 103 11.01 -7.34 6.18
CA LEU B 103 11.20 -7.51 7.65
C LEU B 103 9.91 -7.70 8.43
N GLU B 104 9.84 -8.76 9.22
CA GLU B 104 8.76 -8.86 10.24
C GLU B 104 9.28 -9.01 11.65
N ILE B 105 8.53 -8.54 12.64
CA ILE B 105 9.14 -8.35 13.93
C ILE B 105 8.66 -9.35 14.99
N LYS B 106 9.55 -10.01 15.71
CA LYS B 106 9.08 -10.98 16.69
C LYS B 106 8.55 -10.34 18.01
N ARG B 107 7.53 -10.95 18.55
CA ARG B 107 7.06 -10.50 19.83
C ARG B 107 6.45 -11.67 20.58
N ALA B 108 6.23 -11.51 21.90
CA ALA B 108 5.51 -12.54 22.63
C ALA B 108 4.14 -12.82 21.98
N ASP B 109 3.69 -14.05 22.05
CA ASP B 109 2.36 -14.39 21.59
C ASP B 109 1.35 -13.43 22.20
N ALA B 110 0.31 -13.11 21.42
CA ALA B 110 -0.76 -12.30 21.95
C ALA B 110 -1.96 -12.87 21.35
N ALA B 111 -3.04 -12.87 22.11
CA ALA B 111 -4.18 -13.61 21.70
C ALA B 111 -5.33 -12.72 21.18
N PRO B 112 -5.95 -13.15 20.04
CA PRO B 112 -6.98 -12.43 19.26
C PRO B 112 -8.12 -11.93 20.12
N THR B 113 -8.58 -10.69 19.90
CA THR B 113 -9.84 -10.25 20.46
C THR B 113 -10.72 -10.53 19.30
N VAL B 114 -11.71 -11.38 19.52
CA VAL B 114 -12.58 -11.83 18.43
C VAL B 114 -13.94 -11.23 18.77
N SER B 115 -14.64 -10.83 17.72
CA SER B 115 -15.95 -10.24 17.86
C SER B 115 -16.65 -10.40 16.53
N ILE B 116 -17.94 -10.66 16.63
CA ILE B 116 -18.78 -11.09 15.54
C ILE B 116 -19.90 -10.10 15.37
N PHE B 117 -20.40 -9.99 14.14
CA PHE B 117 -21.59 -9.20 13.86
C PHE B 117 -22.49 -9.88 12.79
N PRO B 118 -23.81 -9.78 13.01
CA PRO B 118 -24.89 -10.36 12.19
C PRO B 118 -25.02 -9.50 10.99
N PRO B 119 -25.64 -9.99 9.89
CA PRO B 119 -25.86 -9.07 8.75
C PRO B 119 -26.65 -7.84 9.25
N SER B 120 -26.79 -6.76 8.48
CA SER B 120 -27.49 -5.56 9.01
C SER B 120 -28.85 -5.44 8.35
N SER B 121 -29.72 -4.67 9.01
CA SER B 121 -31.13 -4.67 8.69
C SER B 121 -31.22 -4.28 7.24
N GLU B 122 -30.47 -3.21 6.91
CA GLU B 122 -30.32 -2.72 5.55
C GLU B 122 -29.95 -3.81 4.61
N GLN B 123 -28.85 -4.49 4.92
CA GLN B 123 -28.30 -5.44 3.98
C GLN B 123 -29.37 -6.40 3.65
N LEU B 124 -30.01 -6.88 4.71
CA LEU B 124 -31.03 -7.86 4.58
C LEU B 124 -32.09 -7.38 3.62
N THR B 125 -32.69 -6.25 3.97
CA THR B 125 -33.46 -5.38 3.06
C THR B 125 -33.28 -5.77 1.56
N SER B 126 -32.02 -5.86 1.11
CA SER B 126 -31.73 -5.82 -0.31
C SER B 126 -31.48 -7.20 -0.95
N GLY B 127 -31.59 -8.25 -0.13
CA GLY B 127 -31.40 -9.62 -0.58
C GLY B 127 -30.08 -10.27 -0.20
N GLY B 128 -29.05 -9.47 0.10
CA GLY B 128 -27.78 -10.03 0.56
C GLY B 128 -27.87 -10.39 2.03
N ALA B 129 -27.03 -11.35 2.48
CA ALA B 129 -26.90 -11.72 3.89
C ALA B 129 -25.44 -12.05 4.19
N SER B 130 -24.76 -11.20 4.97
CA SER B 130 -23.32 -11.34 5.16
C SER B 130 -22.94 -11.31 6.62
N VAL B 131 -22.10 -12.26 7.04
CA VAL B 131 -21.66 -12.29 8.44
C VAL B 131 -20.19 -12.13 8.57
N VAL B 132 -19.80 -11.48 9.65
CA VAL B 132 -18.47 -10.99 9.76
C VAL B 132 -17.90 -11.18 11.13
N CYS B 133 -16.62 -11.56 11.18
CA CYS B 133 -15.85 -11.78 12.39
C CYS B 133 -14.57 -10.98 12.36
N PHE B 134 -14.30 -10.22 13.41
CA PHE B 134 -13.02 -9.50 13.57
C PHE B 134 -12.08 -10.18 14.56
N LEU B 135 -10.80 -10.26 14.19
CA LEU B 135 -9.87 -11.03 14.98
C LEU B 135 -8.65 -10.18 14.97
N ASN B 136 -8.37 -9.62 16.15
CA ASN B 136 -7.58 -8.38 16.24
C ASN B 136 -6.38 -8.35 17.18
N ASN B 137 -5.23 -8.06 16.64
CA ASN B 137 -4.01 -7.83 17.41
C ASN B 137 -3.61 -9.06 18.03
N PHE B 138 -3.25 -10.04 17.17
CA PHE B 138 -2.72 -11.30 17.63
C PHE B 138 -1.28 -11.48 17.18
N TYR B 139 -0.64 -12.57 17.65
CA TYR B 139 0.68 -13.04 17.17
C TYR B 139 0.92 -14.48 17.65
N PRO B 140 1.54 -15.32 16.80
CA PRO B 140 2.01 -14.85 15.50
C PRO B 140 0.93 -14.88 14.43
N LYS B 141 1.35 -14.62 13.17
CA LYS B 141 0.35 -14.42 12.09
C LYS B 141 -0.41 -15.67 11.77
N ASP B 142 0.03 -16.82 12.27
CA ASP B 142 -0.69 -18.03 11.97
C ASP B 142 -1.97 -18.16 12.79
N ILE B 143 -3.01 -17.54 12.31
CA ILE B 143 -4.36 -18.02 12.62
C ILE B 143 -5.05 -18.78 11.41
N ASN B 144 -6.22 -19.38 11.68
CA ASN B 144 -7.18 -19.85 10.69
C ASN B 144 -8.52 -19.89 11.43
N VAL B 145 -9.62 -19.82 10.68
CA VAL B 145 -10.95 -19.53 11.22
C VAL B 145 -12.09 -20.33 10.48
N LYS B 146 -12.94 -21.03 11.24
CA LYS B 146 -13.98 -21.86 10.65
C LYS B 146 -15.42 -21.31 10.84
N TRP B 147 -16.21 -21.42 9.76
CA TRP B 147 -17.62 -20.96 9.78
C TRP B 147 -18.66 -22.06 10.03
N LYS B 148 -19.42 -21.89 11.11
CA LYS B 148 -20.40 -22.88 11.50
C LYS B 148 -21.85 -22.40 11.72
N ILE B 149 -22.72 -22.88 10.82
CA ILE B 149 -24.17 -22.62 10.80
C ILE B 149 -24.98 -23.58 11.65
N ASP B 150 -25.97 -23.04 12.37
CA ASP B 150 -26.94 -23.85 13.13
C ASP B 150 -26.27 -24.74 14.17
N GLY B 151 -26.31 -26.02 13.83
CA GLY B 151 -25.44 -27.01 14.40
C GLY B 151 -24.16 -26.85 13.60
N SER B 152 -23.04 -26.79 14.33
CA SER B 152 -21.73 -26.73 13.69
C SER B 152 -21.64 -27.62 12.43
N GLU B 153 -22.12 -27.06 11.32
CA GLU B 153 -21.75 -27.56 10.01
C GLU B 153 -20.83 -26.52 9.40
N ARG B 154 -19.73 -26.95 8.80
CA ARG B 154 -18.76 -26.01 8.23
C ARG B 154 -19.34 -25.39 6.94
N GLN B 155 -18.90 -24.18 6.57
CA GLN B 155 -19.20 -23.73 5.20
C GLN B 155 -18.01 -23.05 4.49
N ASN B 156 -18.01 -23.10 3.14
CA ASN B 156 -17.33 -22.10 2.19
C ASN B 156 -18.28 -20.96 1.60
N GLY B 157 -17.76 -20.09 0.71
CA GLY B 157 -18.43 -18.81 0.39
C GLY B 157 -17.97 -17.73 1.38
N VAL B 158 -16.66 -17.69 1.56
CA VAL B 158 -16.06 -16.94 2.63
C VAL B 158 -14.84 -16.21 2.13
N LEU B 159 -14.55 -15.07 2.78
CA LEU B 159 -13.56 -14.10 2.35
C LEU B 159 -12.77 -13.58 3.53
N ASN B 160 -11.44 -13.64 3.36
CA ASN B 160 -10.52 -13.29 4.40
C ASN B 160 -9.58 -12.11 4.09
N SER B 161 -9.32 -11.23 5.07
CA SER B 161 -8.39 -10.14 4.80
C SER B 161 -7.42 -9.94 5.95
N TRP B 162 -6.12 -9.79 5.70
CA TRP B 162 -5.22 -9.49 6.86
C TRP B 162 -4.57 -8.16 6.78
N THR B 163 -4.23 -7.59 7.92
CA THR B 163 -3.41 -6.40 7.91
C THR B 163 -1.91 -6.71 7.91
N ASP B 164 -1.14 -5.65 8.02
CA ASP B 164 0.29 -5.86 8.07
C ASP B 164 0.69 -5.67 9.50
N GLN B 165 1.91 -6.07 9.80
CA GLN B 165 2.33 -6.02 11.16
C GLN B 165 2.20 -4.57 11.43
N ASP B 166 1.33 -4.31 12.37
CA ASP B 166 1.34 -3.11 13.10
C ASP B 166 2.76 -2.78 13.46
N SER B 167 3.05 -1.51 13.19
CA SER B 167 4.27 -0.80 13.53
C SER B 167 4.42 -0.36 14.98
N LYS B 168 3.53 -0.77 15.87
CA LYS B 168 3.65 -0.32 17.23
C LYS B 168 3.44 -1.45 18.18
N ASP B 169 2.48 -2.33 17.85
CA ASP B 169 2.19 -3.55 18.63
C ASP B 169 3.26 -4.55 18.34
N SER B 170 3.80 -4.44 17.13
CA SER B 170 4.09 -5.60 16.25
C SER B 170 3.09 -6.72 16.12
N THR B 171 1.75 -6.44 16.22
CA THR B 171 0.74 -7.47 15.96
C THR B 171 0.33 -7.86 14.45
N TYR B 172 -0.67 -8.72 14.32
CA TYR B 172 -1.32 -8.93 13.00
C TYR B 172 -2.83 -8.89 13.33
N SER B 173 -3.71 -8.86 12.31
CA SER B 173 -5.17 -8.75 12.55
C SER B 173 -5.95 -9.13 11.36
N MET B 174 -7.16 -9.63 11.55
CA MET B 174 -7.82 -10.31 10.40
C MET B 174 -9.33 -10.36 10.41
N SER B 175 -9.92 -10.10 9.24
CA SER B 175 -11.36 -10.03 9.02
C SER B 175 -11.91 -11.22 8.13
N SER B 176 -13.02 -11.83 8.61
CA SER B 176 -13.69 -12.87 7.86
C SER B 176 -15.19 -12.69 7.65
N THR B 177 -15.59 -12.93 6.41
CA THR B 177 -16.94 -12.69 5.98
C THR B 177 -17.57 -13.89 5.27
N LEU B 178 -18.80 -14.18 5.67
CA LEU B 178 -19.57 -15.23 5.07
C LEU B 178 -20.68 -14.62 4.30
N THR B 179 -20.87 -15.07 3.07
CA THR B 179 -21.92 -14.44 2.26
C THR B 179 -22.88 -15.44 1.58
N LEU B 180 -24.07 -15.47 2.15
CA LEU B 180 -25.15 -16.30 1.65
C LEU B 180 -26.39 -15.45 1.31
N THR B 181 -27.36 -16.09 0.64
CA THR B 181 -28.63 -15.46 0.29
C THR B 181 -29.37 -15.00 1.56
N LYS B 182 -30.45 -14.25 1.38
CA LYS B 182 -31.27 -13.86 2.53
C LYS B 182 -32.07 -15.05 3.08
N ASP B 183 -32.73 -15.77 2.16
CA ASP B 183 -33.44 -17.01 2.43
C ASP B 183 -32.61 -17.89 3.36
N GLU B 184 -31.46 -18.33 2.82
CA GLU B 184 -30.56 -19.21 3.52
C GLU B 184 -30.07 -18.62 4.84
N TYR B 185 -30.05 -17.30 4.97
CA TYR B 185 -29.67 -16.78 6.25
C TYR B 185 -30.82 -16.92 7.22
N GLU B 186 -32.06 -16.80 6.73
CA GLU B 186 -33.27 -16.82 7.57
C GLU B 186 -33.58 -18.23 8.04
N ARG B 187 -33.63 -19.11 7.03
CA ARG B 187 -33.81 -20.55 7.10
C ARG B 187 -32.68 -21.32 7.82
N HIS B 188 -32.15 -20.84 8.96
CA HIS B 188 -31.10 -21.54 9.82
C HIS B 188 -30.83 -20.77 11.09
N ASN B 189 -31.08 -21.32 12.25
CA ASN B 189 -30.94 -20.43 13.41
C ASN B 189 -29.54 -19.87 13.92
N SER B 190 -28.57 -20.74 14.25
CA SER B 190 -27.36 -20.31 14.97
C SER B 190 -26.05 -20.11 14.21
N TYR B 191 -25.32 -19.03 14.54
CA TYR B 191 -24.09 -18.66 13.79
C TYR B 191 -22.81 -18.48 14.58
N THR B 192 -21.76 -19.17 14.11
CA THR B 192 -20.53 -19.39 14.88
C THR B 192 -19.23 -19.19 14.09
N CYS B 193 -18.28 -18.47 14.73
CA CYS B 193 -16.85 -18.32 14.30
C CYS B 193 -15.87 -19.16 15.09
N GLU B 194 -14.99 -19.90 14.43
CA GLU B 194 -14.05 -20.73 15.16
C GLU B 194 -12.64 -20.32 14.80
N ALA B 195 -11.89 -19.85 15.77
CA ALA B 195 -10.57 -19.32 15.47
C ALA B 195 -9.55 -20.08 16.25
N THR B 196 -8.59 -20.67 15.54
CA THR B 196 -7.72 -21.62 16.20
C THR B 196 -6.28 -21.09 16.22
N HIS B 197 -5.85 -20.54 17.34
CA HIS B 197 -4.58 -19.79 17.39
C HIS B 197 -3.65 -20.42 18.38
N LYS B 198 -2.35 -20.37 18.15
CA LYS B 198 -1.43 -20.96 19.13
C LYS B 198 -1.87 -20.81 20.61
N THR B 199 -2.35 -19.63 21.00
CA THR B 199 -2.58 -19.26 22.42
C THR B 199 -3.62 -20.02 23.30
N SER B 200 -4.83 -20.23 22.78
CA SER B 200 -5.71 -21.21 23.40
C SER B 200 -5.32 -22.58 22.84
N THR B 201 -5.59 -23.63 23.62
CA THR B 201 -5.30 -25.01 23.19
C THR B 201 -6.53 -25.60 22.46
N SER B 202 -7.67 -24.92 22.61
CA SER B 202 -8.95 -25.26 21.93
C SER B 202 -9.69 -24.04 21.26
N PRO B 203 -10.25 -24.24 20.04
CA PRO B 203 -10.84 -23.14 19.23
C PRO B 203 -11.47 -21.94 19.99
N ILE B 204 -10.91 -20.72 19.92
CA ILE B 204 -11.64 -19.51 20.43
C ILE B 204 -12.92 -19.28 19.59
N VAL B 205 -14.04 -19.03 20.27
CA VAL B 205 -15.39 -19.06 19.63
C VAL B 205 -16.34 -17.90 19.97
N LYS B 206 -16.75 -17.16 18.96
CA LYS B 206 -17.88 -16.31 19.11
C LYS B 206 -18.97 -16.79 18.17
N SER B 207 -20.20 -16.46 18.57
CA SER B 207 -21.42 -16.97 17.97
C SER B 207 -22.66 -16.22 18.46
N PHE B 208 -23.73 -16.29 17.67
CA PHE B 208 -25.06 -15.80 18.05
C PHE B 208 -26.15 -16.58 17.27
N ASN B 209 -27.41 -16.44 17.70
CA ASN B 209 -28.59 -17.06 17.05
C ASN B 209 -29.50 -16.04 16.39
N ARG B 210 -30.20 -16.48 15.34
CA ARG B 210 -30.77 -15.61 14.31
C ARG B 210 -32.11 -15.03 14.64
N ASN B 211 -32.66 -15.41 15.78
CA ASN B 211 -33.86 -14.78 16.34
C ASN B 211 -33.46 -14.21 17.67
N GLU B 212 -33.03 -12.96 17.62
CA GLU B 212 -32.22 -12.34 18.67
C GLU B 212 -32.32 -10.81 18.56
N CYS B 213 -31.79 -10.14 19.59
CA CYS B 213 -31.58 -8.69 19.61
C CYS B 213 -30.16 -8.40 20.15
N GLU C 1 8.59 22.81 1.59
CA GLU C 1 8.65 21.37 1.28
C GLU C 1 8.14 21.07 -0.13
N VAL C 2 8.89 20.21 -0.81
CA VAL C 2 8.52 19.59 -2.07
C VAL C 2 7.18 18.86 -2.02
N GLN C 3 6.50 18.72 -3.16
CA GLN C 3 5.22 17.99 -3.26
C GLN C 3 5.01 17.66 -4.68
N LEU C 4 4.38 16.52 -4.95
CA LEU C 4 4.21 16.01 -6.31
C LEU C 4 2.85 15.30 -6.34
N VAL C 5 1.85 15.89 -6.97
CA VAL C 5 0.49 15.47 -6.71
C VAL C 5 -0.10 14.86 -7.98
N GLU C 6 -0.17 13.53 -8.00
CA GLU C 6 -0.51 12.81 -9.22
C GLU C 6 -2.01 12.82 -9.37
N SER C 7 -2.55 12.70 -10.59
CA SER C 7 -4.00 12.47 -10.71
C SER C 7 -4.52 11.90 -12.08
N GLY C 8 -5.83 11.76 -12.14
CA GLY C 8 -6.49 11.22 -13.32
C GLY C 8 -6.18 9.77 -13.67
N GLY C 9 -5.89 8.94 -12.67
CA GLY C 9 -5.79 7.49 -12.85
C GLY C 9 -7.20 6.97 -12.77
N GLY C 10 -7.38 5.66 -12.78
CA GLY C 10 -8.74 5.12 -12.91
C GLY C 10 -8.87 3.89 -13.81
N LEU C 11 -10.06 3.72 -14.39
CA LEU C 11 -10.41 2.47 -15.12
C LEU C 11 -10.51 2.59 -16.64
N VAL C 12 -10.19 1.52 -17.35
CA VAL C 12 -10.10 1.62 -18.79
C VAL C 12 -10.07 0.26 -19.34
N LYS C 13 -10.90 0.10 -20.38
CA LYS C 13 -10.96 -1.11 -21.19
C LYS C 13 -9.66 -1.27 -21.99
N PRO C 14 -9.09 -2.50 -22.00
CA PRO C 14 -8.02 -3.05 -22.88
C PRO C 14 -8.11 -2.55 -24.31
N GLY C 15 -6.98 -1.96 -24.77
CA GLY C 15 -6.91 -1.06 -25.96
C GLY C 15 -7.09 0.46 -25.78
N GLY C 16 -7.91 0.87 -24.79
CA GLY C 16 -8.16 2.30 -24.51
C GLY C 16 -6.96 3.20 -24.18
N SER C 17 -7.24 4.36 -23.60
CA SER C 17 -6.15 5.30 -23.33
C SER C 17 -6.46 6.19 -22.15
N LEU C 18 -5.46 6.92 -21.69
CA LEU C 18 -5.57 7.73 -20.50
C LEU C 18 -4.39 8.62 -20.38
N LYS C 19 -4.61 9.80 -19.80
CA LYS C 19 -3.59 10.79 -19.66
C LYS C 19 -3.49 11.18 -18.17
N LEU C 20 -2.54 10.52 -17.52
CA LEU C 20 -2.16 10.82 -16.16
C LEU C 20 -1.45 12.18 -16.08
N SER C 21 -1.65 12.89 -14.98
CA SER C 21 -1.00 14.16 -14.85
C SER C 21 -0.58 14.36 -13.42
N CYS C 22 0.64 14.88 -13.26
CA CYS C 22 1.22 15.09 -11.93
C CYS C 22 1.59 16.56 -11.67
N ALA C 23 1.01 17.19 -10.64
CA ALA C 23 1.27 18.63 -10.20
C ALA C 23 2.41 18.97 -9.20
N ALA C 24 3.52 19.47 -9.71
CA ALA C 24 4.69 19.80 -8.94
C ALA C 24 4.71 21.26 -8.45
N SER C 25 5.13 21.47 -7.19
CA SER C 25 5.19 22.79 -6.49
C SER C 25 6.19 22.64 -5.37
N GLY C 26 6.51 23.71 -4.66
CA GLY C 26 7.59 23.59 -3.70
C GLY C 26 9.02 23.60 -4.30
N PHE C 27 9.18 23.66 -5.62
CA PHE C 27 10.55 23.85 -6.19
C PHE C 27 10.61 24.55 -7.54
N ILE C 28 11.78 24.63 -8.17
CA ILE C 28 11.79 25.19 -9.53
C ILE C 28 11.66 24.02 -10.51
N PHE C 29 10.43 23.76 -10.92
CA PHE C 29 10.13 22.59 -11.71
C PHE C 29 11.11 22.34 -12.82
N SER C 30 11.60 23.42 -13.39
CA SER C 30 12.35 23.27 -14.61
C SER C 30 13.83 23.14 -14.38
N ASP C 31 14.26 23.03 -13.14
CA ASP C 31 15.64 22.63 -12.91
C ASP C 31 15.82 21.11 -12.73
N TYR C 32 14.76 20.31 -12.93
CA TYR C 32 14.88 18.86 -12.69
C TYR C 32 14.36 17.94 -13.76
N TYR C 33 14.89 16.72 -13.87
CA TYR C 33 14.22 15.71 -14.70
C TYR C 33 12.93 15.32 -13.97
N MET C 34 12.00 14.67 -14.65
CA MET C 34 10.89 14.01 -13.97
C MET C 34 10.90 12.55 -14.39
N TYR C 35 10.26 11.68 -13.59
CA TYR C 35 10.18 10.26 -13.90
C TYR C 35 8.85 9.73 -13.52
N TRP C 36 8.40 8.78 -14.32
CA TRP C 36 7.26 8.01 -13.97
C TRP C 36 7.76 6.66 -13.68
N VAL C 37 7.24 6.13 -12.59
CA VAL C 37 7.60 4.85 -12.00
C VAL C 37 6.29 4.22 -11.51
N ARG C 38 6.14 2.92 -11.63
CA ARG C 38 4.87 2.34 -11.23
C ARG C 38 5.11 1.05 -10.43
N GLN C 39 4.07 0.49 -9.80
CA GLN C 39 4.21 -0.62 -8.87
C GLN C 39 3.09 -1.62 -9.27
N THR C 40 3.43 -2.80 -9.76
CA THR C 40 2.35 -3.68 -10.25
C THR C 40 1.61 -4.19 -9.02
N PRO C 41 0.41 -4.82 -9.20
CA PRO C 41 -0.26 -5.22 -7.99
C PRO C 41 0.40 -6.43 -7.36
N GLU C 42 1.56 -6.85 -7.84
CA GLU C 42 2.29 -7.86 -7.09
C GLU C 42 3.41 -7.12 -6.42
N LYS C 43 3.31 -5.81 -6.32
CA LYS C 43 4.36 -5.02 -5.67
C LYS C 43 5.73 -5.04 -6.40
N ARG C 44 5.78 -5.21 -7.73
CA ARG C 44 7.07 -5.21 -8.44
C ARG C 44 7.25 -3.78 -8.82
N LEU C 45 8.42 -3.20 -8.56
CA LEU C 45 8.68 -1.81 -8.97
C LEU C 45 9.36 -1.50 -10.35
N GLU C 46 8.60 -0.94 -11.29
CA GLU C 46 9.13 -0.65 -12.65
C GLU C 46 9.28 0.86 -12.92
N TRP C 47 10.47 1.26 -13.32
CA TRP C 47 10.64 2.58 -13.85
C TRP C 47 9.99 2.55 -15.19
N VAL C 48 9.21 3.57 -15.51
CA VAL C 48 8.54 3.60 -16.80
C VAL C 48 9.10 4.61 -17.82
N ALA C 49 9.51 5.79 -17.38
CA ALA C 49 10.02 6.75 -18.35
C ALA C 49 10.56 8.04 -17.74
N THR C 50 11.39 8.75 -18.50
CA THR C 50 12.14 9.84 -18.00
C THR C 50 12.08 10.94 -18.99
N ILE C 51 11.66 12.11 -18.55
CA ILE C 51 11.73 13.29 -19.39
C ILE C 51 12.76 14.22 -18.78
N SER C 52 13.68 14.73 -19.60
CA SER C 52 14.79 15.57 -19.09
C SER C 52 14.28 16.94 -18.65
N ASP C 53 15.20 17.89 -18.50
CA ASP C 53 14.86 19.29 -18.35
C ASP C 53 15.71 20.08 -19.34
N GLY C 54 15.58 21.42 -19.32
CA GLY C 54 15.91 22.24 -20.49
C GLY C 54 15.33 21.52 -21.71
N ASN C 55 16.20 21.01 -22.57
CA ASN C 55 15.75 20.51 -23.88
C ASN C 55 14.72 19.38 -24.01
N SER C 56 14.51 18.58 -22.97
CA SER C 56 13.34 17.70 -22.97
C SER C 56 13.44 16.41 -23.89
N TYR C 57 14.50 15.63 -23.64
CA TYR C 57 14.73 14.36 -24.26
C TYR C 57 13.95 13.33 -23.48
N THR C 58 13.21 12.46 -24.15
CA THR C 58 12.41 11.55 -23.39
C THR C 58 12.88 10.13 -23.65
N TYR C 59 12.85 9.29 -22.60
CA TYR C 59 13.38 7.94 -22.58
C TYR C 59 12.30 7.08 -21.97
N TYR C 60 12.14 5.86 -22.55
CA TYR C 60 11.06 4.93 -22.20
C TYR C 60 11.60 3.59 -21.82
N VAL C 61 10.80 2.82 -21.06
CA VAL C 61 11.03 1.40 -20.82
C VAL C 61 10.50 0.72 -22.08
N ASP C 62 11.16 -0.38 -22.49
CA ASP C 62 10.82 -1.12 -23.72
C ASP C 62 9.38 -1.49 -23.79
N SER C 63 8.99 -2.38 -22.89
CA SER C 63 7.64 -2.94 -22.88
C SER C 63 6.56 -1.89 -23.02
N VAL C 64 6.94 -0.64 -23.30
CA VAL C 64 5.95 0.41 -23.24
C VAL C 64 6.02 1.38 -24.37
N LYS C 65 7.05 1.24 -25.20
CA LYS C 65 7.48 2.36 -26.05
C LYS C 65 6.57 2.58 -27.24
N GLY C 66 6.36 3.85 -27.57
CA GLY C 66 5.35 4.23 -28.54
C GLY C 66 4.02 3.61 -28.16
N ARG C 67 3.62 3.76 -26.90
CA ARG C 67 2.22 3.63 -26.48
C ARG C 67 2.06 4.76 -25.46
N PHE C 68 3.04 4.87 -24.58
CA PHE C 68 3.05 5.97 -23.63
C PHE C 68 3.85 7.14 -24.19
N THR C 69 3.44 8.34 -23.82
CA THR C 69 4.28 9.52 -24.00
C THR C 69 4.37 10.33 -22.73
N ILE C 70 5.58 10.45 -22.26
CA ILE C 70 5.84 11.35 -21.14
C ILE C 70 5.82 12.73 -21.68
N SER C 71 5.53 13.74 -20.85
CA SER C 71 5.80 15.15 -21.25
C SER C 71 5.76 16.18 -20.09
N ARG C 72 6.20 17.39 -20.36
CA ARG C 72 6.13 18.43 -19.29
C ARG C 72 5.56 19.74 -19.75
N ASP C 73 4.67 20.34 -18.98
CA ASP C 73 4.46 21.73 -19.27
C ASP C 73 5.15 22.66 -18.25
N ASN C 74 6.42 23.03 -18.49
CA ASN C 74 7.17 23.86 -17.52
C ASN C 74 6.51 25.16 -17.09
N ALA C 75 5.50 25.55 -17.83
CA ALA C 75 4.80 26.78 -17.60
C ALA C 75 3.74 26.55 -16.54
N LYS C 76 3.39 25.29 -16.31
CA LYS C 76 2.37 24.97 -15.28
C LYS C 76 2.90 24.00 -14.18
N ASN C 77 4.22 23.91 -14.08
CA ASN C 77 4.81 22.93 -13.21
C ASN C 77 4.01 21.64 -13.28
N ASN C 78 4.16 20.87 -14.34
CA ASN C 78 3.22 19.78 -14.60
C ASN C 78 3.81 18.67 -15.36
N LEU C 79 3.52 17.44 -15.00
CA LEU C 79 4.10 16.32 -15.74
C LEU C 79 3.03 15.37 -16.28
N TYR C 80 3.25 14.86 -17.47
CA TYR C 80 2.19 14.03 -18.11
C TYR C 80 2.64 12.68 -18.61
N LEU C 81 1.76 11.73 -18.41
CA LEU C 81 1.99 10.47 -19.02
C LEU C 81 0.80 10.18 -19.92
N GLN C 82 1.00 10.40 -21.22
CA GLN C 82 -0.06 9.95 -22.15
C GLN C 82 0.06 8.47 -22.45
N MET C 83 -0.98 7.72 -22.15
CA MET C 83 -0.98 6.27 -22.35
C MET C 83 -2.03 5.83 -23.37
N SER C 84 -1.60 5.16 -24.44
CA SER C 84 -2.53 4.58 -25.43
C SER C 84 -2.39 3.09 -25.38
N SER C 85 -3.28 2.36 -26.08
CA SER C 85 -3.12 0.88 -26.29
C SER C 85 -2.88 0.14 -25.00
N LEU C 86 -3.78 0.25 -24.03
CA LEU C 86 -3.40 -0.25 -22.71
C LEU C 86 -3.58 -1.76 -22.63
N LYS C 87 -2.57 -2.44 -22.08
CA LYS C 87 -2.62 -3.87 -21.78
C LYS C 87 -2.93 -4.00 -20.28
N SER C 88 -3.34 -5.19 -19.83
CA SER C 88 -3.75 -5.31 -18.42
C SER C 88 -2.54 -5.33 -17.46
N GLU C 89 -1.38 -5.68 -17.99
CA GLU C 89 -0.21 -5.65 -17.16
C GLU C 89 0.25 -4.21 -16.94
N ASP C 90 -0.36 -3.25 -17.63
CA ASP C 90 -0.11 -1.87 -17.21
C ASP C 90 -0.89 -1.45 -15.99
N THR C 91 -1.61 -2.38 -15.35
CA THR C 91 -2.45 -2.04 -14.24
C THR C 91 -1.52 -1.81 -13.09
N ALA C 92 -1.55 -0.65 -12.43
CA ALA C 92 -0.54 -0.41 -11.40
C ALA C 92 -0.70 0.88 -10.80
N ILE C 93 0.14 1.16 -9.80
CA ILE C 93 0.07 2.50 -9.16
C ILE C 93 1.07 3.40 -9.84
N TYR C 94 0.62 4.47 -10.46
CA TYR C 94 1.63 5.30 -11.10
C TYR C 94 2.15 6.47 -10.21
N TYR C 95 3.48 6.53 -10.02
CA TYR C 95 4.19 7.52 -9.19
C TYR C 95 5.03 8.47 -10.00
N CYS C 96 4.76 9.76 -9.94
CA CYS C 96 5.68 10.67 -10.55
C CYS C 96 6.68 10.96 -9.42
N ALA C 97 7.91 11.33 -9.76
CA ALA C 97 9.05 11.35 -8.85
C ALA C 97 10.23 12.06 -9.52
N ARG C 98 11.27 12.45 -8.75
CA ARG C 98 12.38 13.37 -9.24
C ARG C 98 13.61 13.13 -8.43
N ASP C 99 14.78 13.44 -8.93
CA ASP C 99 15.95 13.36 -8.03
C ASP C 99 15.94 14.12 -6.58
N GLY C 100 16.78 13.65 -5.67
CA GLY C 100 16.83 14.16 -4.32
C GLY C 100 17.22 15.64 -4.18
N PRO C 101 17.37 16.11 -2.93
CA PRO C 101 17.91 17.44 -2.64
C PRO C 101 19.41 17.49 -2.91
N THR C 102 19.95 18.71 -2.91
CA THR C 102 21.35 18.96 -3.26
C THR C 102 22.32 17.84 -2.84
N ASP C 103 22.63 17.83 -1.56
CA ASP C 103 23.70 16.98 -1.05
C ASP C 103 23.39 15.47 -1.23
N SER C 104 22.18 15.13 -1.66
CA SER C 104 21.81 13.74 -1.67
C SER C 104 21.18 13.37 -3.01
N SER C 105 21.84 13.79 -4.09
CA SER C 105 21.27 13.68 -5.42
C SER C 105 22.31 13.51 -6.54
N GLY C 106 21.84 13.10 -7.70
CA GLY C 106 22.69 13.12 -8.90
C GLY C 106 23.26 11.77 -9.17
N TYR C 107 22.50 10.75 -8.76
CA TYR C 107 22.99 9.39 -8.67
C TYR C 107 22.15 8.31 -9.32
N GLY C 108 20.97 8.69 -9.80
CA GLY C 108 20.07 7.75 -10.46
C GLY C 108 19.04 7.26 -9.45
N GLY C 109 18.96 7.99 -8.32
CA GLY C 109 18.02 7.68 -7.27
C GLY C 109 16.81 8.59 -7.28
N PHE C 110 15.70 8.11 -6.71
CA PHE C 110 14.43 8.79 -6.76
C PHE C 110 14.16 9.43 -5.40
N GLY C 111 14.43 10.70 -5.27
CA GLY C 111 14.50 11.34 -4.00
C GLY C 111 13.19 11.91 -3.51
N TYR C 112 12.21 12.14 -4.37
CA TYR C 112 10.89 12.44 -3.77
C TYR C 112 9.81 11.79 -4.61
N TRP C 113 8.86 11.07 -4.00
CA TRP C 113 7.77 10.45 -4.77
C TRP C 113 6.43 11.11 -4.55
N GLY C 114 5.60 11.12 -5.61
CA GLY C 114 4.25 11.64 -5.55
C GLY C 114 3.55 10.73 -4.58
N GLN C 115 2.23 10.82 -4.49
CA GLN C 115 1.51 9.93 -3.61
C GLN C 115 0.86 8.74 -4.34
N GLY C 116 1.12 8.53 -5.63
CA GLY C 116 0.45 7.41 -6.37
C GLY C 116 -0.88 7.72 -7.01
N THR C 117 -1.16 7.12 -8.15
CA THR C 117 -2.53 7.20 -8.70
C THR C 117 -2.94 5.89 -9.37
N LEU C 118 -4.04 5.30 -8.95
CA LEU C 118 -4.20 3.87 -9.31
C LEU C 118 -4.68 3.56 -10.75
N VAL C 119 -3.81 3.01 -11.60
CA VAL C 119 -4.39 2.57 -12.91
C VAL C 119 -4.81 1.12 -13.13
N THR C 120 -6.13 1.03 -13.32
CA THR C 120 -6.79 -0.19 -13.62
C THR C 120 -7.14 -0.30 -15.09
N VAL C 121 -6.78 -1.44 -15.66
CA VAL C 121 -7.17 -1.74 -17.02
C VAL C 121 -8.06 -2.99 -17.06
N SER C 122 -9.36 -2.82 -17.27
CA SER C 122 -10.19 -4.03 -17.37
C SER C 122 -11.53 -3.95 -18.11
N GLU C 123 -12.06 -5.13 -18.43
CA GLU C 123 -13.33 -5.17 -19.08
C GLU C 123 -14.52 -4.78 -18.21
N ALA C 124 -14.38 -4.93 -16.89
CA ALA C 124 -15.51 -4.89 -15.94
C ALA C 124 -16.08 -3.52 -15.67
N LYS C 125 -17.41 -3.46 -15.66
CA LYS C 125 -18.14 -2.20 -15.45
C LYS C 125 -17.91 -1.66 -14.06
N THR C 126 -17.50 -0.42 -14.00
CA THR C 126 -17.23 0.29 -12.75
C THR C 126 -18.47 0.36 -11.87
N THR C 127 -18.57 -0.40 -10.77
CA THR C 127 -19.80 -0.37 -9.88
C THR C 127 -19.59 0.37 -8.54
N PRO C 128 -20.63 1.01 -7.99
CA PRO C 128 -20.29 1.76 -6.75
C PRO C 128 -20.38 0.79 -5.62
N PRO C 129 -19.94 1.20 -4.38
CA PRO C 129 -19.91 0.36 -3.17
C PRO C 129 -21.26 0.19 -2.51
N SER C 130 -21.44 -0.73 -1.54
CA SER C 130 -22.54 -0.66 -0.56
C SER C 130 -22.04 -0.53 0.89
N VAL C 131 -22.24 0.56 1.59
CA VAL C 131 -21.78 0.52 2.99
C VAL C 131 -22.86 0.05 3.98
N TYR C 132 -22.60 -1.04 4.71
CA TYR C 132 -23.44 -1.49 5.84
C TYR C 132 -22.69 -1.29 7.14
N PRO C 133 -23.41 -1.05 8.24
CA PRO C 133 -22.64 -0.80 9.45
C PRO C 133 -22.68 -2.08 10.31
N LEU C 134 -21.56 -2.44 10.89
CA LEU C 134 -21.56 -3.59 11.73
C LEU C 134 -21.62 -3.09 13.12
N ALA C 135 -22.71 -3.47 13.79
CA ALA C 135 -22.93 -3.27 15.21
C ALA C 135 -23.28 -4.61 15.92
N PRO C 136 -22.94 -4.70 17.25
CA PRO C 136 -23.13 -5.92 18.07
C PRO C 136 -24.55 -6.48 18.01
N GLY C 137 -24.67 -7.81 18.08
CA GLY C 137 -25.95 -8.51 18.35
C GLY C 137 -26.28 -8.47 19.86
N SER C 138 -26.58 -9.64 20.44
CA SER C 138 -26.85 -9.84 21.91
C SER C 138 -25.91 -9.12 22.94
N ALA C 139 -25.31 -9.84 23.90
CA ALA C 139 -24.28 -9.24 24.76
C ALA C 139 -22.96 -9.07 23.96
N ALA C 140 -21.81 -9.28 24.60
CA ALA C 140 -20.53 -8.70 24.12
C ALA C 140 -20.61 -7.19 24.43
N GLN C 141 -20.79 -6.94 25.74
CA GLN C 141 -21.15 -5.65 26.35
C GLN C 141 -19.90 -4.94 26.90
N THR C 142 -19.86 -4.67 28.20
CA THR C 142 -18.65 -4.08 28.84
C THR C 142 -17.47 -5.07 28.98
N ASN C 143 -16.55 -4.95 28.02
CA ASN C 143 -15.18 -5.44 28.13
C ASN C 143 -14.37 -4.19 28.55
N SER C 144 -15.12 -3.19 29.05
CA SER C 144 -14.68 -1.79 29.20
C SER C 144 -14.69 -1.03 27.87
N MET C 145 -14.55 -1.75 26.76
CA MET C 145 -14.37 -1.18 25.42
C MET C 145 -14.92 -2.03 24.30
N VAL C 146 -15.47 -1.38 23.26
CA VAL C 146 -16.10 -2.14 22.18
C VAL C 146 -15.67 -1.91 20.76
N THR C 147 -16.16 -2.81 19.93
CA THR C 147 -15.67 -2.97 18.59
C THR C 147 -16.86 -2.91 17.61
N LEU C 148 -16.83 -1.92 16.73
CA LEU C 148 -17.80 -1.82 15.63
C LEU C 148 -17.09 -1.88 14.26
N GLY C 149 -17.86 -2.00 13.18
CA GLY C 149 -17.24 -1.86 11.86
C GLY C 149 -18.14 -1.30 10.80
N CYS C 150 -17.57 -0.82 9.69
CA CYS C 150 -18.32 -0.75 8.42
C CYS C 150 -17.95 -1.92 7.58
N LEU C 151 -18.89 -2.46 6.81
CA LEU C 151 -18.54 -3.44 5.77
C LEU C 151 -18.69 -2.78 4.41
N VAL C 152 -17.61 -2.57 3.69
CA VAL C 152 -17.75 -1.81 2.44
C VAL C 152 -17.76 -2.76 1.22
N LYS C 153 -18.95 -3.06 0.72
CA LYS C 153 -19.12 -4.27 -0.06
C LYS C 153 -19.79 -3.98 -1.38
N GLY C 154 -19.28 -4.54 -2.46
CA GLY C 154 -19.99 -4.51 -3.77
C GLY C 154 -19.16 -3.98 -4.95
N TYR C 155 -18.23 -3.07 -4.63
CA TYR C 155 -17.56 -2.26 -5.63
C TYR C 155 -16.44 -2.77 -6.59
N PHE C 156 -16.24 -1.89 -7.57
CA PHE C 156 -15.17 -1.89 -8.52
C PHE C 156 -14.95 -0.38 -8.96
N PRO C 157 -13.70 0.02 -9.27
CA PRO C 157 -12.38 -0.53 -9.01
C PRO C 157 -11.83 0.05 -7.68
N GLU C 158 -10.64 -0.37 -7.30
CA GLU C 158 -10.05 0.23 -6.15
C GLU C 158 -9.69 1.61 -6.65
N PRO C 159 -9.47 2.60 -5.73
CA PRO C 159 -9.43 2.51 -4.30
C PRO C 159 -10.71 2.90 -3.68
N VAL C 160 -10.82 2.71 -2.35
CA VAL C 160 -11.78 3.47 -1.51
C VAL C 160 -11.10 4.26 -0.36
N THR C 161 -11.87 4.92 0.47
CA THR C 161 -11.30 5.57 1.64
C THR C 161 -12.33 5.39 2.71
N VAL C 162 -12.01 4.54 3.66
CA VAL C 162 -12.75 4.49 4.88
C VAL C 162 -12.02 5.33 5.91
N THR C 163 -12.83 5.96 6.75
CA THR C 163 -12.35 6.85 7.80
C THR C 163 -13.41 6.98 8.93
N TRP C 164 -12.96 7.06 10.17
CA TRP C 164 -13.88 7.07 11.31
C TRP C 164 -14.04 8.45 11.94
N ASN C 165 -15.30 8.88 12.13
CA ASN C 165 -15.57 10.19 12.72
C ASN C 165 -14.63 11.16 12.03
N SER C 166 -14.51 10.93 10.73
CA SER C 166 -13.91 11.89 9.87
C SER C 166 -12.47 12.19 10.22
N GLY C 167 -11.76 11.19 10.74
CA GLY C 167 -10.37 11.36 11.14
C GLY C 167 -10.22 11.69 12.61
N SER C 168 -11.29 12.13 13.28
CA SER C 168 -11.20 12.32 14.75
C SER C 168 -10.79 11.00 15.47
N LEU C 169 -11.28 9.87 14.97
CA LEU C 169 -10.86 8.52 15.42
C LEU C 169 -9.85 7.79 14.53
N SER C 170 -8.61 7.68 14.98
CA SER C 170 -7.67 6.80 14.30
C SER C 170 -7.11 5.80 15.31
N SER C 171 -7.19 6.19 16.58
CA SER C 171 -6.68 5.39 17.66
C SER C 171 -7.48 4.10 17.73
N GLY C 172 -6.84 3.03 17.29
CA GLY C 172 -7.48 1.73 17.39
C GLY C 172 -8.48 1.48 16.30
N VAL C 173 -8.08 1.83 15.08
CA VAL C 173 -8.82 1.40 13.91
C VAL C 173 -8.00 0.43 13.07
N HIS C 174 -8.62 -0.68 12.67
CA HIS C 174 -8.01 -1.62 11.65
C HIS C 174 -8.76 -1.62 10.33
N THR C 175 -8.11 -1.19 9.26
CA THR C 175 -8.77 -1.32 7.97
C THR C 175 -8.30 -2.44 7.07
N PHE C 176 -9.10 -3.44 6.88
CA PHE C 176 -8.67 -4.58 6.01
C PHE C 176 -8.60 -4.28 4.57
N PRO C 177 -7.57 -4.77 3.92
CA PRO C 177 -7.35 -4.75 2.46
C PRO C 177 -8.45 -5.37 1.58
N ALA C 178 -8.80 -4.67 0.53
CA ALA C 178 -9.82 -5.18 -0.40
C ALA C 178 -9.55 -6.61 -0.82
N VAL C 179 -10.61 -7.39 -0.95
CA VAL C 179 -10.42 -8.71 -1.47
C VAL C 179 -11.24 -8.83 -2.75
N LEU C 180 -10.58 -9.10 -3.88
CA LEU C 180 -11.33 -9.24 -5.13
C LEU C 180 -12.16 -10.53 -5.10
N GLN C 181 -13.39 -10.47 -5.60
CA GLN C 181 -14.27 -11.63 -5.72
C GLN C 181 -14.59 -11.86 -7.19
N SER C 182 -15.87 -11.90 -7.60
CA SER C 182 -16.11 -11.93 -9.07
C SER C 182 -16.15 -10.48 -9.45
N ASP C 183 -15.17 -10.11 -10.27
CA ASP C 183 -15.05 -8.72 -10.75
C ASP C 183 -15.42 -7.58 -9.72
N LEU C 184 -15.40 -7.86 -8.41
CA LEU C 184 -15.83 -6.88 -7.43
C LEU C 184 -15.24 -7.04 -6.07
N TYR C 185 -14.99 -5.90 -5.44
CA TYR C 185 -14.24 -5.83 -4.20
C TYR C 185 -15.06 -5.71 -2.91
N THR C 186 -14.56 -6.32 -1.84
CA THR C 186 -15.09 -5.98 -0.53
C THR C 186 -13.99 -5.54 0.45
N LEU C 187 -14.41 -4.85 1.50
CA LEU C 187 -13.49 -4.24 2.44
C LEU C 187 -14.15 -4.08 3.77
N SER C 188 -13.40 -4.20 4.83
CA SER C 188 -14.06 -4.13 6.11
C SER C 188 -13.21 -3.25 7.03
N SER C 189 -13.80 -2.72 8.07
CA SER C 189 -12.98 -1.87 8.91
C SER C 189 -13.51 -1.80 10.29
N SER C 190 -12.73 -2.26 11.27
CA SER C 190 -13.21 -2.20 12.66
C SER C 190 -12.61 -1.05 13.46
N VAL C 191 -13.40 -0.60 14.44
CA VAL C 191 -12.92 0.34 15.45
C VAL C 191 -13.25 -0.05 16.87
N THR C 192 -12.24 0.10 17.70
CA THR C 192 -12.38 -0.11 19.11
C THR C 192 -12.47 1.18 19.88
N VAL C 193 -13.44 1.22 20.81
CA VAL C 193 -13.72 2.39 21.65
C VAL C 193 -14.24 1.97 23.01
N PRO C 194 -13.92 2.78 24.07
CA PRO C 194 -14.40 2.55 25.47
C PRO C 194 -15.94 2.59 25.58
N SER C 195 -16.56 1.63 26.27
CA SER C 195 -18.03 1.47 26.18
C SER C 195 -18.83 2.61 26.77
N SER C 196 -18.13 3.53 27.43
CA SER C 196 -18.68 4.84 27.80
C SER C 196 -18.96 5.81 26.57
N PRO C 197 -18.00 6.01 25.67
CA PRO C 197 -18.30 6.57 24.35
C PRO C 197 -19.35 5.92 23.46
N ARG C 198 -20.05 4.88 23.89
CA ARG C 198 -20.96 4.25 22.94
C ARG C 198 -22.13 3.55 23.55
N PRO C 199 -23.33 3.75 23.00
CA PRO C 199 -23.78 4.71 21.98
C PRO C 199 -23.86 6.17 22.47
N SER C 200 -23.44 6.46 23.71
CA SER C 200 -23.54 7.80 24.29
C SER C 200 -22.90 8.88 23.44
N GLU C 201 -21.73 8.62 22.87
CA GLU C 201 -21.17 9.49 21.81
C GLU C 201 -21.51 8.84 20.48
N THR C 202 -21.09 9.43 19.37
CA THR C 202 -21.56 8.90 18.09
C THR C 202 -20.47 8.48 17.17
N VAL C 203 -20.67 7.30 16.60
CA VAL C 203 -19.66 6.75 15.73
C VAL C 203 -20.09 6.50 14.26
N THR C 204 -19.33 7.19 13.39
CA THR C 204 -19.59 7.19 11.97
C THR C 204 -18.34 6.92 11.15
N CYS C 205 -18.60 6.06 10.19
CA CYS C 205 -17.61 5.56 9.32
C CYS C 205 -17.81 6.31 8.01
N ASN C 206 -16.79 6.97 7.46
CA ASN C 206 -17.02 7.76 6.25
C ASN C 206 -16.19 7.17 5.20
N VAL C 207 -16.87 6.55 4.24
CA VAL C 207 -16.21 5.89 3.13
C VAL C 207 -16.40 6.72 1.89
N ALA C 208 -15.38 6.83 1.06
CA ALA C 208 -15.47 7.54 -0.21
C ALA C 208 -15.06 6.58 -1.34
N HIS C 209 -15.84 6.50 -2.39
CA HIS C 209 -15.39 5.72 -3.53
C HIS C 209 -15.30 6.65 -4.71
N PRO C 210 -14.11 7.17 -4.98
CA PRO C 210 -14.20 8.30 -5.92
C PRO C 210 -14.57 7.88 -7.33
N ALA C 211 -14.33 6.63 -7.70
CA ALA C 211 -14.63 6.25 -9.09
C ALA C 211 -16.11 6.25 -9.52
N SER C 212 -17.06 6.20 -8.56
CA SER C 212 -18.48 6.51 -8.85
C SER C 212 -18.88 7.87 -8.23
N SER C 213 -17.89 8.54 -7.64
CA SER C 213 -18.15 9.44 -6.47
C SER C 213 -19.35 8.96 -5.65
N THR C 214 -19.09 8.00 -4.77
CA THR C 214 -19.91 7.82 -3.61
C THR C 214 -19.18 8.55 -2.47
N LYS C 215 -19.92 9.11 -1.55
CA LYS C 215 -19.33 9.63 -0.36
C LYS C 215 -20.45 9.53 0.61
N VAL C 216 -20.32 8.58 1.53
CA VAL C 216 -21.43 8.10 2.34
C VAL C 216 -20.94 8.10 3.75
N ASP C 217 -21.81 8.49 4.66
CA ASP C 217 -21.51 8.29 6.08
C ASP C 217 -22.49 7.31 6.72
N LYS C 218 -22.02 6.15 7.12
CA LYS C 218 -22.83 5.20 7.86
C LYS C 218 -22.65 5.49 9.31
N LYS C 219 -23.76 5.84 9.96
CA LYS C 219 -23.74 6.05 11.40
C LYS C 219 -24.00 4.68 11.97
N ILE C 220 -23.17 4.24 12.91
CA ILE C 220 -23.38 2.95 13.58
C ILE C 220 -24.37 3.05 14.77
N VAL C 221 -25.64 2.72 14.54
CA VAL C 221 -26.66 2.82 15.61
C VAL C 221 -26.86 1.46 16.30
N PRO C 222 -26.97 1.45 17.65
CA PRO C 222 -27.41 0.26 18.40
C PRO C 222 -28.46 -0.52 17.66
N ARG C 223 -28.55 -1.79 17.97
CA ARG C 223 -29.40 -2.65 17.19
C ARG C 223 -30.85 -2.69 17.74
N ASP C 224 -31.82 -2.50 16.84
CA ASP C 224 -33.24 -2.79 17.15
C ASP C 224 -33.67 -4.21 16.65
N CYS C 225 -34.90 -4.65 17.02
CA CYS C 225 -35.32 -6.08 16.97
C CYS C 225 -35.81 -6.81 15.68
#